data_5PH7
#
_entry.id   5PH7
#
_cell.length_a   71.124
_cell.length_b   71.124
_cell.length_c   150.298
_cell.angle_alpha   90.000
_cell.angle_beta   90.000
_cell.angle_gamma   90.000
#
_symmetry.space_group_name_H-M   'P 43 21 2'
#
loop_
_entity.id
_entity.type
_entity.pdbx_description
1 polymer 'Lysine-specific demethylase 4D'
2 non-polymer 'ZINC ION'
3 non-polymer 'NICKEL (II) ION'
4 non-polymer N-OXALYLGLYCINE
5 non-polymer 1,2-ETHANEDIOL
6 non-polymer 'SULFATE ION'
7 non-polymer 1-methylindole-2,3-dione
8 water water
#
_entity_poly.entity_id   1
_entity_poly.type   'polypeptide(L)'
_entity_poly.pdbx_seq_one_letter_code
;MHHHHHHSSGVDLGTENLYFQSMETMKSKANCAQNPNCNIMIFHPTKEEFNDFDKYIAYMESQGAHRAGLAKIIPPKEWK
ARETYDNISEILIATPLQQVASGRAGVFTQYHKKKKAMTVGEYRHLANSKKYQTPPHQNFEDLERKYWKNRIYNSPIYGA
DISGSLFDENTKQWNLGHLGTIQDLLEKECGVVIEGVNTPYLYFGMWKTTFAWHTEDMDLYSINYLHLGEPKTWYVVPPE
HGQRLERLARELFPGSSRGCGAFLRHKVALISPTVLKENGIPFNRITQEAGEFMVTFPYGYHAGFNHGFNCAEAINFATP
RWIDYGKMASQCSCGEARVTFSMDAFVRILQPERYDLWKRGQDR
;
_entity_poly.pdbx_strand_id   A
#
# COMPACT_ATOMS: atom_id res chain seq x y z
N ALA A 33 -11.42 -22.47 12.40
CA ALA A 33 -10.88 -21.51 11.43
C ALA A 33 -9.46 -21.13 11.78
N GLN A 34 -8.60 -21.05 10.77
CA GLN A 34 -7.20 -20.71 10.97
CA GLN A 34 -7.20 -20.72 11.00
C GLN A 34 -7.01 -19.23 11.30
N ASN A 35 -6.06 -18.94 12.18
CA ASN A 35 -5.73 -17.57 12.58
C ASN A 35 -6.93 -16.74 13.05
N PRO A 36 -7.69 -17.24 14.03
CA PRO A 36 -8.91 -16.53 14.43
C PRO A 36 -8.67 -15.17 15.08
N ASN A 37 -7.50 -14.96 15.70
CA ASN A 37 -7.18 -13.67 16.27
C ASN A 37 -6.67 -12.67 15.22
N CYS A 38 -6.56 -13.11 13.97
CA CYS A 38 -6.19 -12.21 12.85
C CYS A 38 -4.79 -11.61 13.03
N ASN A 39 -3.85 -12.42 13.52
CA ASN A 39 -2.47 -11.98 13.64
C ASN A 39 -1.78 -11.90 12.29
N ILE A 40 -0.86 -10.94 12.17
CA ILE A 40 0.00 -10.88 10.99
C ILE A 40 0.96 -12.06 11.00
N MET A 41 0.89 -12.87 9.95
CA MET A 41 1.76 -14.04 9.83
C MET A 41 2.97 -13.74 8.96
N ILE A 42 4.06 -14.44 9.27
CA ILE A 42 5.33 -14.30 8.57
C ILE A 42 5.68 -15.64 7.96
N PHE A 43 6.01 -15.62 6.67
CA PHE A 43 6.29 -16.84 5.93
C PHE A 43 7.72 -16.89 5.43
N HIS A 44 8.29 -18.10 5.45
CA HIS A 44 9.65 -18.36 4.98
C HIS A 44 9.65 -19.44 3.91
N PRO A 45 9.17 -19.11 2.70
CA PRO A 45 9.16 -20.12 1.63
C PRO A 45 10.55 -20.62 1.26
N THR A 46 10.64 -21.90 0.94
CA THR A 46 11.84 -22.45 0.33
C THR A 46 11.91 -21.99 -1.12
N LYS A 47 13.07 -22.21 -1.76
CA LYS A 47 13.19 -21.78 -3.14
C LYS A 47 12.22 -22.59 -4.02
N GLU A 48 11.95 -23.84 -3.65
CA GLU A 48 11.00 -24.63 -4.41
C GLU A 48 9.59 -24.06 -4.26
N GLU A 49 9.24 -23.66 -3.04
CA GLU A 49 7.94 -23.05 -2.78
C GLU A 49 7.77 -21.68 -3.42
N PHE A 50 8.88 -21.06 -3.83
CA PHE A 50 8.89 -19.69 -4.33
C PHE A 50 8.69 -19.66 -5.84
N ASN A 51 8.54 -20.83 -6.44
CA ASN A 51 8.37 -20.90 -7.89
C ASN A 51 6.97 -20.49 -8.35
N ASP A 52 5.96 -21.02 -7.68
CA ASP A 52 4.58 -20.80 -8.11
C ASP A 52 3.91 -19.76 -7.22
N PHE A 53 3.82 -18.53 -7.73
CA PHE A 53 3.28 -17.42 -6.95
C PHE A 53 1.85 -17.65 -6.48
N ASP A 54 0.96 -17.96 -7.42
N ASP A 54 0.96 -18.00 -7.42
CA ASP A 54 -0.45 -18.20 -7.10
CA ASP A 54 -0.44 -18.18 -7.09
C ASP A 54 -0.61 -19.28 -6.03
C ASP A 54 -0.66 -19.32 -6.09
N LYS A 55 0.15 -20.37 -6.19
CA LYS A 55 0.05 -21.49 -5.27
C LYS A 55 0.46 -21.06 -3.86
N TYR A 56 1.47 -20.21 -3.75
CA TYR A 56 1.92 -19.83 -2.42
C TYR A 56 0.95 -18.85 -1.76
N ILE A 57 0.34 -17.96 -2.54
CA ILE A 57 -0.68 -17.09 -1.96
C ILE A 57 -1.83 -17.96 -1.42
N ALA A 58 -2.25 -18.95 -2.21
CA ALA A 58 -3.31 -19.86 -1.77
C ALA A 58 -2.89 -20.61 -0.50
N TYR A 59 -1.64 -21.04 -0.44
CA TYR A 59 -1.14 -21.70 0.76
C TYR A 59 -1.22 -20.79 2.00
N MET A 60 -0.76 -19.54 1.86
N MET A 60 -0.76 -19.54 1.86
CA MET A 60 -0.81 -18.59 2.96
CA MET A 60 -0.82 -18.60 2.98
C MET A 60 -2.24 -18.43 3.46
C MET A 60 -2.25 -18.45 3.47
N GLU A 61 -3.19 -18.35 2.54
CA GLU A 61 -4.60 -18.21 2.92
C GLU A 61 -5.13 -19.48 3.59
N SER A 62 -4.64 -20.65 3.18
CA SER A 62 -5.06 -21.89 3.84
C SER A 62 -4.62 -21.90 5.31
N GLN A 63 -3.62 -21.08 5.62
CA GLN A 63 -3.14 -20.97 7.00
C GLN A 63 -3.76 -19.79 7.73
N GLY A 64 -4.68 -19.09 7.06
CA GLY A 64 -5.39 -17.98 7.67
C GLY A 64 -4.71 -16.63 7.59
N ALA A 65 -3.68 -16.50 6.75
CA ALA A 65 -2.91 -15.26 6.68
C ALA A 65 -3.79 -14.06 6.33
N HIS A 66 -4.74 -14.25 5.44
CA HIS A 66 -5.57 -13.14 4.96
C HIS A 66 -6.40 -12.51 6.07
N ARG A 67 -6.66 -13.24 7.15
CA ARG A 67 -7.52 -12.69 8.19
C ARG A 67 -6.91 -11.46 8.84
N ALA A 68 -5.57 -11.36 8.81
CA ALA A 68 -4.88 -10.19 9.35
C ALA A 68 -5.02 -8.97 8.44
N GLY A 69 -5.19 -9.19 7.13
CA GLY A 69 -5.16 -8.11 6.16
C GLY A 69 -3.78 -7.87 5.56
N LEU A 70 -2.74 -8.44 6.19
CA LEU A 70 -1.35 -8.21 5.83
C LEU A 70 -0.52 -9.41 6.20
N ALA A 71 0.42 -9.81 5.34
CA ALA A 71 1.38 -10.87 5.65
C ALA A 71 2.78 -10.43 5.22
N LYS A 72 3.78 -10.92 5.94
CA LYS A 72 5.16 -10.77 5.52
C LYS A 72 5.70 -12.05 4.90
N ILE A 73 6.42 -11.91 3.80
CA ILE A 73 7.09 -13.05 3.17
C ILE A 73 8.58 -12.77 3.04
N ILE A 74 9.36 -13.59 3.70
CA ILE A 74 10.81 -13.48 3.62
C ILE A 74 11.28 -14.43 2.51
N PRO A 75 11.90 -13.90 1.45
CA PRO A 75 12.28 -14.76 0.34
C PRO A 75 13.38 -15.73 0.75
N PRO A 76 13.50 -16.86 0.02
CA PRO A 76 14.58 -17.79 0.33
C PRO A 76 15.95 -17.11 0.19
N LYS A 77 16.92 -17.62 0.94
CA LYS A 77 18.23 -16.99 0.99
C LYS A 77 18.93 -16.99 -0.37
N GLU A 78 18.52 -17.90 -1.26
CA GLU A 78 19.13 -18.02 -2.58
C GLU A 78 18.62 -16.97 -3.57
N TRP A 79 17.55 -16.28 -3.19
CA TRP A 79 16.86 -15.39 -4.11
C TRP A 79 17.38 -13.96 -4.03
N LYS A 80 17.39 -13.28 -5.17
CA LYS A 80 17.66 -11.85 -5.20
CA LYS A 80 17.73 -11.86 -5.27
C LYS A 80 16.80 -11.15 -6.25
N ALA A 81 16.42 -9.92 -5.95
CA ALA A 81 15.59 -9.14 -6.88
C ALA A 81 16.41 -8.66 -8.07
N ARG A 82 17.66 -8.27 -7.80
CA ARG A 82 18.58 -7.81 -8.84
C ARG A 82 19.99 -7.87 -8.27
N GLU A 83 20.99 -7.67 -9.11
CA GLU A 83 22.37 -7.84 -8.69
C GLU A 83 22.82 -6.78 -7.70
N THR A 84 22.68 -5.51 -8.07
CA THR A 84 23.01 -4.42 -7.14
C THR A 84 22.10 -3.22 -7.36
N TYR A 85 22.11 -2.30 -6.41
CA TYR A 85 21.36 -1.07 -6.54
C TYR A 85 22.30 0.12 -6.73
N ASP A 86 23.50 -0.16 -7.21
CA ASP A 86 24.52 0.87 -7.37
C ASP A 86 24.24 1.85 -8.51
N ASN A 87 23.31 1.52 -9.40
CA ASN A 87 23.12 2.32 -10.60
CA ASN A 87 23.12 2.32 -10.60
C ASN A 87 21.72 2.91 -10.75
N ILE A 88 21.05 3.18 -9.64
CA ILE A 88 19.67 3.69 -9.71
C ILE A 88 19.52 5.21 -9.58
N SER A 89 20.63 5.94 -9.44
CA SER A 89 20.53 7.35 -9.09
C SER A 89 19.98 8.24 -10.19
N GLU A 90 19.94 7.76 -11.43
CA GLU A 90 19.46 8.59 -12.54
C GLU A 90 17.98 8.35 -12.88
N ILE A 91 17.32 7.50 -12.11
CA ILE A 91 15.86 7.44 -12.17
C ILE A 91 15.30 8.81 -11.84
N LEU A 92 14.30 9.28 -12.59
CA LEU A 92 13.71 10.58 -12.31
C LEU A 92 12.45 10.43 -11.48
N ILE A 93 12.34 11.26 -10.44
CA ILE A 93 11.09 11.47 -9.72
C ILE A 93 10.48 12.74 -10.31
N ALA A 94 9.60 12.57 -11.28
CA ALA A 94 9.06 13.71 -12.03
C ALA A 94 8.27 14.66 -11.16
N THR A 95 7.55 14.11 -10.20
CA THR A 95 6.69 14.91 -9.33
C THR A 95 6.80 14.48 -7.87
N PRO A 96 7.90 14.88 -7.21
CA PRO A 96 8.00 14.60 -5.77
C PRO A 96 6.86 15.28 -5.03
N LEU A 97 6.36 14.65 -3.98
CA LEU A 97 5.21 15.19 -3.26
C LEU A 97 5.57 15.57 -1.82
N GLN A 98 5.37 16.84 -1.48
CA GLN A 98 5.58 17.31 -0.11
C GLN A 98 4.31 17.02 0.67
N GLN A 99 4.42 16.22 1.73
CA GLN A 99 3.24 15.76 2.46
C GLN A 99 2.98 16.64 3.67
N VAL A 100 2.07 17.58 3.51
CA VAL A 100 1.80 18.59 4.53
C VAL A 100 0.62 18.14 5.39
N ALA A 101 0.78 18.17 6.71
CA ALA A 101 -0.24 17.69 7.61
C ALA A 101 -1.11 18.82 8.17
N SER A 102 -2.33 18.46 8.52
CA SER A 102 -3.27 19.38 9.13
CA SER A 102 -3.27 19.37 9.17
C SER A 102 -4.06 18.60 10.19
N GLY A 103 -4.14 19.13 11.40
CA GLY A 103 -4.88 18.44 12.45
C GLY A 103 -4.07 18.24 13.70
N ARG A 104 -4.43 17.21 14.45
N ARG A 104 -4.45 17.23 14.49
CA ARG A 104 -3.75 16.88 15.70
CA ARG A 104 -3.72 16.91 15.71
C ARG A 104 -2.83 15.68 15.50
C ARG A 104 -2.84 15.70 15.51
N ALA A 105 -1.95 15.44 16.47
CA ALA A 105 -0.92 14.40 16.31
C ALA A 105 -1.50 13.03 16.01
N GLY A 106 -2.62 12.69 16.62
CA GLY A 106 -3.19 11.36 16.45
C GLY A 106 -4.31 11.27 15.41
N VAL A 107 -4.80 12.42 14.95
CA VAL A 107 -5.87 12.47 13.96
C VAL A 107 -5.60 13.63 13.03
N PHE A 108 -5.13 13.34 11.82
CA PHE A 108 -4.80 14.41 10.91
C PHE A 108 -5.01 14.01 9.46
N THR A 109 -5.02 15.01 8.59
CA THR A 109 -5.04 14.72 7.17
C THR A 109 -3.72 15.19 6.58
N GLN A 110 -3.37 14.68 5.40
CA GLN A 110 -2.23 15.22 4.71
C GLN A 110 -2.59 15.52 3.27
N TYR A 111 -2.06 16.60 2.74
N TYR A 111 -2.03 16.60 2.75
CA TYR A 111 -2.23 16.88 1.33
CA TYR A 111 -2.20 16.90 1.34
C TYR A 111 -0.86 16.95 0.68
C TYR A 111 -0.84 16.95 0.67
N HIS A 112 -0.86 16.76 -0.64
CA HIS A 112 0.38 16.64 -1.39
C HIS A 112 0.60 17.89 -2.22
N LYS A 113 1.70 18.56 -1.92
CA LYS A 113 2.14 19.72 -2.66
C LYS A 113 3.19 19.27 -3.67
N LYS A 114 2.96 19.54 -4.95
CA LYS A 114 3.91 19.10 -5.98
C LYS A 114 5.19 19.93 -5.95
N LYS A 115 6.32 19.24 -6.07
CA LYS A 115 7.61 19.88 -6.10
C LYS A 115 8.26 19.66 -7.46
N LYS A 116 9.33 20.40 -7.74
CA LYS A 116 10.03 20.24 -9.01
C LYS A 116 10.74 18.88 -9.10
N ALA A 117 10.93 18.42 -10.34
CA ALA A 117 11.50 17.11 -10.59
C ALA A 117 12.90 16.98 -9.99
N MET A 118 13.25 15.77 -9.55
N MET A 118 13.20 15.78 -9.49
CA MET A 118 14.61 15.52 -9.12
CA MET A 118 14.52 15.42 -8.96
C MET A 118 14.95 14.05 -9.34
C MET A 118 14.93 14.05 -9.47
N THR A 119 16.23 13.78 -9.52
CA THR A 119 16.67 12.40 -9.70
C THR A 119 16.66 11.68 -8.36
N VAL A 120 16.69 10.34 -8.40
CA VAL A 120 16.79 9.57 -7.17
C VAL A 120 18.07 9.92 -6.39
N GLY A 121 19.16 10.20 -7.10
CA GLY A 121 20.38 10.65 -6.43
C GLY A 121 20.20 11.95 -5.65
N GLU A 122 19.54 12.92 -6.28
CA GLU A 122 19.22 14.17 -5.62
C GLU A 122 18.26 13.95 -4.44
N TYR A 123 17.28 13.06 -4.63
CA TYR A 123 16.29 12.77 -3.60
C TYR A 123 16.96 12.13 -2.37
N ARG A 124 17.87 11.20 -2.62
CA ARG A 124 18.58 10.51 -1.55
C ARG A 124 19.39 11.51 -0.72
N HIS A 125 20.06 12.43 -1.42
CA HIS A 125 20.82 13.48 -0.73
C HIS A 125 19.90 14.35 0.14
N LEU A 126 18.73 14.69 -0.39
CA LEU A 126 17.74 15.45 0.36
C LEU A 126 17.27 14.68 1.60
N ALA A 127 16.95 13.39 1.40
CA ALA A 127 16.49 12.52 2.48
C ALA A 127 17.50 12.49 3.63
N ASN A 128 18.78 12.51 3.29
CA ASN A 128 19.85 12.39 4.26
C ASN A 128 20.31 13.73 4.85
N SER A 129 19.72 14.82 4.38
CA SER A 129 20.11 16.15 4.86
C SER A 129 19.66 16.35 6.31
N LYS A 130 20.24 17.33 6.99
CA LYS A 130 19.86 17.56 8.38
C LYS A 130 18.36 17.82 8.55
N LYS A 131 17.75 18.51 7.59
CA LYS A 131 16.34 18.86 7.67
C LYS A 131 15.42 17.62 7.66
N TYR A 132 15.81 16.60 6.90
CA TYR A 132 14.92 15.48 6.62
C TYR A 132 15.34 14.13 7.18
N GLN A 133 16.57 14.02 7.68
N GLN A 133 16.57 14.03 7.69
CA GLN A 133 17.09 12.72 8.08
CA GLN A 133 17.12 12.73 8.09
C GLN A 133 16.42 12.16 9.34
C GLN A 133 16.48 12.16 9.36
N THR A 134 16.43 10.83 9.42
CA THR A 134 15.96 10.12 10.61
C THR A 134 16.69 10.60 11.86
N PRO A 135 15.94 10.92 12.92
CA PRO A 135 16.59 11.34 14.17
C PRO A 135 17.26 10.17 14.88
N PRO A 136 18.19 10.47 15.79
CA PRO A 136 18.71 9.40 16.65
C PRO A 136 17.58 8.69 17.37
N HIS A 137 17.68 7.38 17.54
CA HIS A 137 16.64 6.61 18.20
C HIS A 137 17.19 5.30 18.73
N GLN A 138 16.53 4.74 19.72
CA GLN A 138 17.02 3.54 20.39
C GLN A 138 16.71 2.25 19.63
N ASN A 139 15.51 2.20 19.05
CA ASN A 139 15.01 1.01 18.38
C ASN A 139 13.77 1.38 17.56
N PHE A 140 13.12 0.40 16.96
CA PHE A 140 11.94 0.68 16.13
C PHE A 140 10.81 1.30 16.95
N GLU A 141 10.59 0.82 18.17
CA GLU A 141 9.51 1.36 18.98
CA GLU A 141 9.55 1.33 19.06
C GLU A 141 9.76 2.81 19.40
N ASP A 142 11.01 3.16 19.68
CA ASP A 142 11.37 4.53 20.00
C ASP A 142 11.09 5.42 18.78
N LEU A 143 11.48 4.95 17.60
CA LEU A 143 11.24 5.73 16.40
C LEU A 143 9.75 5.88 16.11
N GLU A 144 8.98 4.82 16.38
CA GLU A 144 7.53 4.86 16.20
C GLU A 144 6.90 5.93 17.11
N ARG A 145 7.36 6.01 18.35
N ARG A 145 7.38 6.01 18.34
CA ARG A 145 6.87 7.05 19.25
CA ARG A 145 6.92 7.02 19.28
C ARG A 145 7.19 8.44 18.71
C ARG A 145 7.21 8.44 18.75
N LYS A 146 8.42 8.63 18.23
CA LYS A 146 8.80 9.91 17.67
C LYS A 146 7.95 10.24 16.43
N TYR A 147 7.68 9.25 15.60
CA TYR A 147 6.85 9.48 14.42
C TYR A 147 5.49 10.04 14.84
N TRP A 148 4.79 9.36 15.75
CA TRP A 148 3.42 9.79 16.05
C TRP A 148 3.39 11.05 16.89
N LYS A 149 4.45 11.32 17.65
CA LYS A 149 4.54 12.56 18.41
C LYS A 149 4.75 13.75 17.49
N ASN A 150 5.62 13.60 16.49
CA ASN A 150 6.15 14.75 15.76
C ASN A 150 5.83 14.84 14.27
N ARG A 151 5.16 13.83 13.72
CA ARG A 151 4.87 13.79 12.28
C ARG A 151 4.26 15.09 11.76
N ILE A 152 3.26 15.62 12.48
CA ILE A 152 2.49 16.73 11.89
C ILE A 152 3.31 18.00 11.77
N TYR A 153 4.43 18.08 12.48
CA TYR A 153 5.23 19.31 12.51
C TYR A 153 6.28 19.37 11.41
N ASN A 154 6.28 18.37 10.53
CA ASN A 154 7.19 18.32 9.40
C ASN A 154 6.46 17.98 8.12
N SER A 155 7.09 18.26 6.98
CA SER A 155 6.49 17.93 5.70
CA SER A 155 6.49 17.91 5.70
C SER A 155 7.50 17.21 4.81
N PRO A 156 7.64 15.90 5.02
CA PRO A 156 8.59 15.11 4.23
C PRO A 156 8.16 15.03 2.78
N ILE A 157 9.13 14.75 1.91
CA ILE A 157 8.89 14.67 0.48
C ILE A 157 8.98 13.22 0.04
N TYR A 158 7.96 12.76 -0.69
N TYR A 158 8.00 12.71 -0.67
CA TYR A 158 7.78 11.36 -1.13
CA TYR A 158 8.14 11.34 -1.12
C TYR A 158 7.88 11.27 -2.66
C TYR A 158 7.83 11.16 -2.58
N GLY A 159 8.64 10.30 -3.18
CA GLY A 159 8.57 10.02 -4.60
C GLY A 159 7.68 8.81 -4.80
N ALA A 160 6.36 9.04 -4.88
CA ALA A 160 5.40 7.94 -4.93
C ALA A 160 4.84 7.71 -6.33
N ASP A 161 4.34 6.49 -6.56
CA ASP A 161 3.57 6.16 -7.75
C ASP A 161 4.34 6.42 -9.05
N ILE A 162 5.59 5.97 -9.08
CA ILE A 162 6.44 6.11 -10.26
C ILE A 162 6.39 4.82 -11.06
N SER A 163 5.80 4.85 -12.24
N SER A 163 5.83 4.88 -12.25
CA SER A 163 5.68 3.63 -13.03
CA SER A 163 5.73 3.69 -13.09
C SER A 163 7.08 3.12 -13.40
C SER A 163 7.10 3.12 -13.42
N GLY A 164 7.33 1.84 -13.11
CA GLY A 164 8.61 1.22 -13.41
C GLY A 164 8.89 0.04 -12.51
N SER A 165 10.04 -0.59 -12.72
CA SER A 165 10.42 -1.78 -11.93
C SER A 165 11.92 -1.81 -11.74
N LEU A 166 12.35 -2.32 -10.58
CA LEU A 166 13.76 -2.55 -10.32
C LEU A 166 14.12 -4.03 -10.28
N PHE A 167 13.16 -4.90 -10.62
CA PHE A 167 13.49 -6.32 -10.72
C PHE A 167 14.27 -6.61 -11.99
N ASP A 168 15.34 -7.40 -11.87
CA ASP A 168 16.09 -7.87 -13.03
CA ASP A 168 16.07 -7.84 -13.05
C ASP A 168 15.17 -8.72 -13.91
N GLU A 169 15.26 -8.57 -15.22
CA GLU A 169 14.36 -9.35 -16.08
C GLU A 169 14.62 -10.85 -15.93
N ASN A 170 15.82 -11.21 -15.50
CA ASN A 170 16.18 -12.61 -15.31
C ASN A 170 15.75 -13.19 -13.96
N THR A 171 15.19 -12.35 -13.10
CA THR A 171 14.61 -12.83 -11.85
C THR A 171 13.25 -13.45 -12.15
N LYS A 172 13.15 -14.76 -11.99
CA LYS A 172 11.96 -15.46 -12.45
C LYS A 172 10.93 -15.67 -11.36
N GLN A 173 11.35 -15.60 -10.10
CA GLN A 173 10.42 -15.83 -8.98
C GLN A 173 10.03 -14.51 -8.33
N TRP A 174 8.72 -14.31 -8.11
CA TRP A 174 8.20 -13.16 -7.39
C TRP A 174 8.71 -11.84 -7.97
N ASN A 175 8.81 -11.80 -9.30
CA ASN A 175 9.15 -10.60 -10.04
C ASN A 175 7.88 -9.79 -10.24
N LEU A 176 7.78 -8.64 -9.59
CA LEU A 176 6.51 -7.91 -9.58
C LEU A 176 6.15 -7.31 -10.94
N GLY A 177 7.09 -7.35 -11.90
CA GLY A 177 6.78 -6.94 -13.27
C GLY A 177 6.36 -8.09 -14.15
N HIS A 178 6.33 -9.30 -13.60
CA HIS A 178 6.01 -10.50 -14.37
C HIS A 178 4.83 -11.29 -13.83
N LEU A 179 4.00 -10.66 -13.01
CA LEU A 179 2.84 -11.34 -12.44
C LEU A 179 1.74 -11.49 -13.46
N GLY A 180 0.91 -12.52 -13.29
CA GLY A 180 -0.30 -12.64 -14.07
C GLY A 180 -1.16 -11.39 -13.84
N THR A 181 -1.82 -10.92 -14.89
CA THR A 181 -2.56 -9.67 -14.78
C THR A 181 -3.95 -9.87 -14.18
N ILE A 182 -4.49 -8.81 -13.58
CA ILE A 182 -5.84 -8.84 -13.03
CA ILE A 182 -5.83 -8.92 -13.03
C ILE A 182 -6.86 -9.06 -14.14
N GLN A 183 -6.59 -8.49 -15.31
CA GLN A 183 -7.49 -8.67 -16.44
C GLN A 183 -7.54 -10.14 -16.85
N ASP A 184 -6.39 -10.80 -16.87
CA ASP A 184 -6.39 -12.23 -17.22
C ASP A 184 -7.04 -13.07 -16.13
N LEU A 185 -6.90 -12.67 -14.86
CA LEU A 185 -7.60 -13.36 -13.78
C LEU A 185 -9.11 -13.30 -14.00
N LEU A 186 -9.62 -12.11 -14.28
N LEU A 186 -9.59 -12.10 -14.31
CA LEU A 186 -11.05 -11.97 -14.52
CA LEU A 186 -11.02 -11.90 -14.54
C LEU A 186 -11.49 -12.80 -15.71
C LEU A 186 -11.51 -12.71 -15.73
N GLU A 187 -10.65 -12.88 -16.73
CA GLU A 187 -11.00 -13.66 -17.91
C GLU A 187 -11.04 -15.15 -17.58
N LYS A 188 -10.04 -15.62 -16.85
CA LYS A 188 -10.00 -17.04 -16.48
C LYS A 188 -11.17 -17.44 -15.60
N GLU A 189 -11.56 -16.56 -14.69
CA GLU A 189 -12.60 -16.90 -13.73
C GLU A 189 -14.00 -16.65 -14.25
N CYS A 190 -14.17 -15.59 -15.02
CA CYS A 190 -15.51 -15.11 -15.37
C CYS A 190 -15.78 -15.03 -16.86
N GLY A 191 -14.76 -15.32 -17.67
CA GLY A 191 -14.91 -15.31 -19.10
C GLY A 191 -15.01 -13.89 -19.61
N VAL A 192 -14.69 -12.94 -18.75
CA VAL A 192 -14.76 -11.52 -19.07
C VAL A 192 -13.50 -11.07 -19.78
N VAL A 193 -13.66 -10.41 -20.92
CA VAL A 193 -12.53 -9.93 -21.68
C VAL A 193 -12.56 -8.41 -21.70
N ILE A 194 -11.56 -7.78 -21.10
CA ILE A 194 -11.58 -6.32 -20.97
C ILE A 194 -10.25 -5.67 -21.31
N GLU A 195 -10.32 -4.38 -21.65
CA GLU A 195 -9.14 -3.55 -21.81
C GLU A 195 -8.45 -3.32 -20.47
N GLY A 196 -7.22 -2.83 -20.53
CA GLY A 196 -6.50 -2.43 -19.34
C GLY A 196 -5.21 -3.19 -19.14
N VAL A 197 -4.29 -2.57 -18.41
CA VAL A 197 -3.01 -3.18 -18.11
C VAL A 197 -2.75 -2.94 -16.63
N ASN A 198 -1.64 -3.51 -16.17
N ASN A 198 -1.85 -3.70 -16.05
CA ASN A 198 -1.36 -3.81 -14.77
CA ASN A 198 -1.37 -3.27 -14.75
C ASN A 198 0.17 -3.75 -14.47
C ASN A 198 0.08 -3.60 -14.67
N THR A 199 0.77 -2.58 -14.21
CA THR A 199 2.23 -2.54 -14.10
C THR A 199 2.66 -2.01 -12.73
N PRO A 200 3.91 -2.30 -12.34
CA PRO A 200 4.31 -1.91 -10.99
C PRO A 200 4.64 -0.43 -10.82
N TYR A 201 4.68 0.01 -9.57
N TYR A 201 4.62 0.00 -9.56
CA TYR A 201 5.06 1.37 -9.24
CA TYR A 201 4.99 1.33 -9.12
C TYR A 201 6.19 1.37 -8.23
C TYR A 201 6.27 1.29 -8.30
N LEU A 202 7.08 2.34 -8.39
CA LEU A 202 8.18 2.56 -7.46
C LEU A 202 7.82 3.67 -6.47
N TYR A 203 8.35 3.53 -5.27
CA TYR A 203 8.15 4.49 -4.19
C TYR A 203 9.47 4.82 -3.55
N PHE A 204 9.90 6.07 -3.62
CA PHE A 204 11.11 6.49 -2.95
C PHE A 204 10.70 7.29 -1.72
N GLY A 205 11.07 6.81 -0.54
CA GLY A 205 10.63 7.45 0.69
C GLY A 205 11.75 8.02 1.51
N MET A 206 11.37 8.79 2.53
CA MET A 206 12.32 9.32 3.50
C MET A 206 11.65 9.29 4.87
N TRP A 207 12.39 9.65 5.91
CA TRP A 207 11.82 9.70 7.26
C TRP A 207 10.49 10.46 7.28
N LYS A 208 9.49 9.87 7.92
CA LYS A 208 8.14 10.42 8.14
C LYS A 208 7.24 10.41 6.92
N THR A 209 7.73 10.01 5.76
CA THR A 209 6.90 9.82 4.60
CA THR A 209 6.82 9.91 4.62
C THR A 209 5.77 8.85 4.98
N THR A 210 4.53 9.14 4.58
CA THR A 210 3.37 8.51 5.17
C THR A 210 2.40 7.99 4.13
N PHE A 211 1.88 6.77 4.32
CA PHE A 211 0.74 6.36 3.52
C PHE A 211 -0.49 6.29 4.41
N ALA A 212 -1.53 7.00 3.95
CA ALA A 212 -2.77 7.17 4.68
C ALA A 212 -3.60 5.89 4.71
N TRP A 213 -4.56 5.82 5.63
CA TRP A 213 -5.44 4.65 5.74
C TRP A 213 -6.19 4.39 4.43
N HIS A 214 -6.08 3.18 3.90
CA HIS A 214 -6.77 2.86 2.64
C HIS A 214 -6.85 1.35 2.44
N THR A 215 -7.77 0.93 1.59
CA THR A 215 -7.68 -0.36 0.95
C THR A 215 -7.28 -0.13 -0.50
N GLU A 216 -6.97 -1.19 -1.23
CA GLU A 216 -6.55 -1.03 -2.62
C GLU A 216 -7.73 -0.69 -3.51
N ASP A 217 -7.44 -0.17 -4.70
CA ASP A 217 -8.47 0.01 -5.73
C ASP A 217 -9.25 -1.30 -5.87
N MET A 218 -10.57 -1.21 -5.87
N MET A 218 -10.58 -1.21 -5.91
CA MET A 218 -11.44 -2.37 -6.06
CA MET A 218 -11.45 -2.39 -6.07
C MET A 218 -11.22 -3.42 -4.98
C MET A 218 -11.22 -3.42 -4.98
N ASP A 219 -10.63 -3.00 -3.86
CA ASP A 219 -10.25 -3.89 -2.76
C ASP A 219 -9.42 -5.08 -3.26
N LEU A 220 -8.53 -4.80 -4.21
CA LEU A 220 -7.56 -5.78 -4.69
C LEU A 220 -6.52 -6.14 -3.64
N TYR A 221 -5.75 -7.19 -3.91
CA TYR A 221 -4.53 -7.42 -3.16
C TYR A 221 -3.49 -6.41 -3.56
N SER A 222 -2.49 -6.22 -2.72
CA SER A 222 -1.25 -5.60 -3.19
CA SER A 222 -1.26 -5.57 -3.15
C SER A 222 -0.07 -6.41 -2.70
N ILE A 223 1.05 -6.28 -3.40
CA ILE A 223 2.29 -6.88 -2.95
C ILE A 223 3.34 -5.80 -3.07
N ASN A 224 4.18 -5.71 -2.05
CA ASN A 224 5.12 -4.62 -1.86
C ASN A 224 6.47 -5.21 -1.50
N TYR A 225 7.49 -4.91 -2.31
CA TYR A 225 8.85 -5.36 -2.04
C TYR A 225 9.71 -4.17 -1.65
N LEU A 226 10.38 -4.25 -0.49
CA LEU A 226 11.26 -3.18 -0.07
C LEU A 226 12.65 -3.47 -0.63
N HIS A 227 13.00 -2.79 -1.72
CA HIS A 227 14.24 -3.05 -2.44
C HIS A 227 15.49 -2.69 -1.66
N LEU A 228 15.45 -1.54 -0.98
N LEU A 228 15.46 -1.54 -1.00
CA LEU A 228 16.67 -0.88 -0.52
CA LEU A 228 16.65 -1.02 -0.37
C LEU A 228 16.40 0.17 0.55
C LEU A 228 16.30 0.00 0.69
N GLY A 229 17.27 0.25 1.56
CA GLY A 229 17.20 1.33 2.52
C GLY A 229 16.55 1.00 3.84
N GLU A 230 15.98 2.04 4.45
CA GLU A 230 15.47 1.95 5.81
C GLU A 230 14.07 1.34 5.84
N PRO A 231 13.62 0.88 7.02
CA PRO A 231 12.36 0.14 7.07
C PRO A 231 11.09 0.94 6.80
N LYS A 232 10.00 0.19 6.68
CA LYS A 232 8.66 0.72 6.51
CA LYS A 232 8.67 0.75 6.56
C LYS A 232 7.79 0.08 7.59
N THR A 233 7.13 0.87 8.43
CA THR A 233 6.23 0.32 9.44
C THR A 233 4.80 0.37 8.93
N TRP A 234 4.09 -0.73 9.10
CA TRP A 234 2.71 -0.91 8.63
C TRP A 234 1.74 -1.06 9.80
N TYR A 235 0.55 -0.52 9.63
CA TYR A 235 -0.60 -0.79 10.50
C TYR A 235 -1.70 -1.37 9.64
N VAL A 236 -2.48 -2.30 10.19
CA VAL A 236 -3.49 -2.97 9.38
C VAL A 236 -4.69 -3.41 10.22
N VAL A 237 -5.87 -3.25 9.66
CA VAL A 237 -7.11 -3.68 10.28
C VAL A 237 -7.58 -4.95 9.57
N PRO A 238 -7.92 -6.00 10.32
CA PRO A 238 -8.44 -7.22 9.70
C PRO A 238 -9.60 -6.92 8.77
N PRO A 239 -9.65 -7.55 7.58
CA PRO A 239 -10.77 -7.28 6.67
C PRO A 239 -12.14 -7.51 7.32
N GLU A 240 -12.28 -8.47 8.21
CA GLU A 240 -13.58 -8.71 8.82
C GLU A 240 -14.00 -7.57 9.73
N HIS A 241 -13.06 -6.67 10.06
CA HIS A 241 -13.38 -5.52 10.91
C HIS A 241 -13.23 -4.18 10.22
N GLY A 242 -13.12 -4.19 8.89
CA GLY A 242 -12.90 -2.94 8.17
C GLY A 242 -13.97 -1.88 8.43
N GLN A 243 -15.21 -2.31 8.60
N GLN A 243 -15.22 -2.33 8.58
CA GLN A 243 -16.29 -1.34 8.79
CA GLN A 243 -16.33 -1.42 8.82
C GLN A 243 -16.20 -0.65 10.15
C GLN A 243 -16.13 -0.64 10.13
N ARG A 244 -15.47 -1.26 11.10
CA ARG A 244 -15.21 -0.58 12.38
C ARG A 244 -14.30 0.63 12.18
N LEU A 245 -13.28 0.46 11.34
CA LEU A 245 -12.40 1.57 11.02
C LEU A 245 -13.18 2.65 10.28
N GLU A 246 -14.02 2.25 9.33
CA GLU A 246 -14.81 3.20 8.57
C GLU A 246 -15.72 4.03 9.48
N ARG A 247 -16.37 3.37 10.44
CA ARG A 247 -17.24 4.08 11.36
C ARG A 247 -16.46 5.09 12.20
N LEU A 248 -15.29 4.70 12.70
CA LEU A 248 -14.47 5.64 13.45
C LEU A 248 -14.05 6.81 12.57
N ALA A 249 -13.65 6.51 11.33
CA ALA A 249 -13.25 7.57 10.41
C ALA A 249 -14.38 8.58 10.19
N ARG A 250 -15.61 8.08 10.05
N ARG A 250 -15.61 8.08 10.05
CA ARG A 250 -16.75 8.98 9.87
CA ARG A 250 -16.76 8.97 9.86
C ARG A 250 -16.96 9.87 11.08
C ARG A 250 -16.94 9.88 11.09
N GLU A 251 -16.69 9.33 12.27
CA GLU A 251 -16.78 10.11 13.50
C GLU A 251 -15.66 11.14 13.61
N LEU A 252 -14.45 10.76 13.19
CA LEU A 252 -13.29 11.63 13.35
C LEU A 252 -13.16 12.70 12.26
N PHE A 253 -13.74 12.44 11.09
CA PHE A 253 -13.70 13.38 9.97
C PHE A 253 -15.13 13.62 9.48
N PRO A 254 -15.98 14.27 10.31
CA PRO A 254 -17.42 14.26 10.02
C PRO A 254 -17.80 15.05 8.77
N GLY A 255 -17.11 16.15 8.50
CA GLY A 255 -17.36 16.92 7.30
C GLY A 255 -17.01 16.13 6.05
N SER A 256 -15.88 15.42 6.10
CA SER A 256 -15.48 14.60 4.97
C SER A 256 -16.51 13.50 4.71
N SER A 257 -17.08 12.96 5.78
CA SER A 257 -18.07 11.91 5.65
C SER A 257 -19.34 12.44 4.99
N ARG A 258 -19.73 13.67 5.32
CA ARG A 258 -20.90 14.26 4.69
C ARG A 258 -20.67 14.48 3.19
N GLY A 259 -19.43 14.75 2.81
CA GLY A 259 -19.11 15.04 1.43
C GLY A 259 -18.96 13.83 0.52
N CYS A 260 -18.71 12.67 1.11
CA CYS A 260 -18.43 11.48 0.32
C CYS A 260 -18.73 10.21 1.10
N GLY A 261 -19.37 9.24 0.44
CA GLY A 261 -19.75 8.00 1.08
C GLY A 261 -18.63 7.02 1.30
N ALA A 262 -17.46 7.33 0.75
CA ALA A 262 -16.27 6.49 0.93
C ALA A 262 -15.01 7.35 0.89
N PHE A 263 -14.91 8.32 1.80
CA PHE A 263 -13.83 9.30 1.67
C PHE A 263 -12.44 8.72 1.99
N LEU A 264 -12.37 7.54 2.58
CA LEU A 264 -11.04 6.94 2.75
C LEU A 264 -10.42 6.61 1.38
N ARG A 265 -11.24 6.55 0.34
CA ARG A 265 -10.76 6.41 -1.03
C ARG A 265 -9.89 7.60 -1.45
N HIS A 266 -9.99 8.72 -0.73
CA HIS A 266 -9.18 9.90 -1.04
C HIS A 266 -7.74 9.71 -0.57
N LYS A 267 -7.54 8.77 0.35
CA LYS A 267 -6.21 8.40 0.85
C LYS A 267 -5.45 9.60 1.43
N VAL A 268 -6.10 10.32 2.34
CA VAL A 268 -5.45 11.47 2.99
C VAL A 268 -5.64 11.48 4.52
N ALA A 269 -6.30 10.46 5.07
CA ALA A 269 -6.61 10.47 6.51
C ALA A 269 -5.67 9.58 7.34
N LEU A 270 -5.16 10.13 8.43
CA LEU A 270 -4.33 9.37 9.36
C LEU A 270 -4.95 9.32 10.74
N ILE A 271 -4.87 8.15 11.35
CA ILE A 271 -5.35 7.89 12.71
C ILE A 271 -4.27 7.07 13.39
N SER A 272 -3.80 7.52 14.55
CA SER A 272 -2.67 6.87 15.24
C SER A 272 -3.09 5.57 15.92
N PRO A 273 -2.11 4.68 16.21
CA PRO A 273 -2.46 3.47 16.96
C PRO A 273 -3.04 3.78 18.34
N THR A 274 -2.62 4.89 18.96
CA THR A 274 -3.17 5.27 20.25
C THR A 274 -4.67 5.55 20.12
N VAL A 275 -5.05 6.31 19.08
CA VAL A 275 -6.46 6.63 18.89
C VAL A 275 -7.25 5.39 18.50
N LEU A 276 -6.68 4.51 17.68
CA LEU A 276 -7.34 3.25 17.38
C LEU A 276 -7.60 2.44 18.66
N LYS A 277 -6.59 2.34 19.51
CA LYS A 277 -6.74 1.61 20.76
CA LYS A 277 -6.73 1.61 20.77
C LYS A 277 -7.81 2.23 21.65
N GLU A 278 -7.82 3.56 21.73
CA GLU A 278 -8.79 4.27 22.56
C GLU A 278 -10.21 3.97 22.13
N ASN A 279 -10.39 3.71 20.83
CA ASN A 279 -11.71 3.47 20.27
C ASN A 279 -12.00 2.01 20.01
N GLY A 280 -11.14 1.13 20.50
CA GLY A 280 -11.38 -0.30 20.43
C GLY A 280 -11.33 -0.89 19.03
N ILE A 281 -10.60 -0.24 18.11
CA ILE A 281 -10.48 -0.77 16.75
C ILE A 281 -9.42 -1.85 16.70
N PRO A 282 -9.78 -3.05 16.21
CA PRO A 282 -8.80 -4.13 16.08
C PRO A 282 -7.78 -3.80 15.01
N PHE A 283 -6.49 -3.91 15.34
CA PHE A 283 -5.44 -3.67 14.35
C PHE A 283 -4.17 -4.36 14.79
N ASN A 284 -3.24 -4.47 13.84
CA ASN A 284 -1.91 -4.97 14.13
C ASN A 284 -0.88 -4.09 13.47
N ARG A 285 0.37 -4.28 13.86
CA ARG A 285 1.46 -3.52 13.28
C ARG A 285 2.66 -4.42 13.05
N ILE A 286 3.48 -4.06 12.07
CA ILE A 286 4.70 -4.80 11.79
C ILE A 286 5.65 -3.91 11.01
N THR A 287 6.94 -4.13 11.16
CA THR A 287 7.92 -3.36 10.41
C THR A 287 8.56 -4.24 9.34
N GLN A 288 8.52 -3.76 8.10
CA GLN A 288 9.12 -4.40 6.94
C GLN A 288 10.54 -3.88 6.74
N GLU A 289 11.48 -4.77 6.52
CA GLU A 289 12.87 -4.36 6.27
C GLU A 289 13.28 -4.69 4.84
N ALA A 290 14.39 -4.11 4.40
CA ALA A 290 14.85 -4.31 3.04
C ALA A 290 15.01 -5.80 2.75
N GLY A 291 14.56 -6.21 1.57
CA GLY A 291 14.65 -7.60 1.15
C GLY A 291 13.41 -8.41 1.50
N GLU A 292 12.39 -7.76 2.05
CA GLU A 292 11.16 -8.47 2.45
C GLU A 292 9.95 -8.04 1.64
N PHE A 293 9.06 -8.99 1.36
CA PHE A 293 7.77 -8.70 0.74
C PHE A 293 6.68 -8.54 1.80
N MET A 294 5.73 -7.66 1.53
CA MET A 294 4.47 -7.63 2.26
C MET A 294 3.34 -7.83 1.26
N VAL A 295 2.32 -8.58 1.65
CA VAL A 295 1.11 -8.71 0.86
C VAL A 295 -0.05 -8.16 1.66
N THR A 296 -0.82 -7.24 1.06
CA THR A 296 -2.09 -6.85 1.67
C THR A 296 -3.22 -7.61 0.98
N PHE A 297 -4.23 -7.97 1.78
CA PHE A 297 -5.32 -8.80 1.30
C PHE A 297 -6.57 -7.96 1.07
N PRO A 298 -7.48 -8.46 0.22
CA PRO A 298 -8.69 -7.69 -0.09
C PRO A 298 -9.38 -7.11 1.14
N TYR A 299 -9.62 -5.79 1.09
CA TYR A 299 -10.33 -5.04 2.12
C TYR A 299 -9.57 -4.99 3.44
N GLY A 300 -8.25 -5.18 3.38
CA GLY A 300 -7.42 -4.97 4.55
C GLY A 300 -6.93 -3.52 4.59
N TYR A 301 -7.56 -2.69 5.41
CA TYR A 301 -7.13 -1.31 5.56
C TYR A 301 -5.72 -1.25 6.10
N HIS A 302 -4.86 -0.42 5.50
CA HIS A 302 -3.51 -0.27 6.00
C HIS A 302 -3.03 1.16 5.88
N ALA A 303 -2.04 1.48 6.70
CA ALA A 303 -1.40 2.80 6.74
C ALA A 303 0.00 2.58 7.25
N GLY A 304 0.87 3.56 7.12
CA GLY A 304 2.19 3.43 7.69
C GLY A 304 3.16 4.54 7.34
N PHE A 305 4.43 4.32 7.64
CA PHE A 305 5.44 5.35 7.43
C PHE A 305 6.80 4.74 7.17
N ASN A 306 7.65 5.52 6.51
CA ASN A 306 9.03 5.11 6.26
C ASN A 306 9.99 5.65 7.31
N HIS A 307 11.00 4.86 7.62
CA HIS A 307 11.95 5.19 8.67
C HIS A 307 13.06 6.13 8.21
N GLY A 308 13.30 6.19 6.90
CA GLY A 308 14.43 6.91 6.35
C GLY A 308 14.44 6.64 4.85
N PHE A 309 15.51 7.04 4.17
CA PHE A 309 15.57 6.84 2.72
C PHE A 309 15.36 5.37 2.37
N ASN A 310 14.41 5.11 1.49
CA ASN A 310 14.23 3.75 0.99
C ASN A 310 13.57 3.74 -0.38
N CYS A 311 13.48 2.54 -0.96
CA CYS A 311 12.82 2.34 -2.23
C CYS A 311 12.03 1.07 -2.17
N ALA A 312 10.74 1.18 -2.48
CA ALA A 312 9.84 0.03 -2.55
C ALA A 312 9.20 -0.06 -3.92
N GLU A 313 8.76 -1.26 -4.26
CA GLU A 313 8.05 -1.51 -5.51
C GLU A 313 6.78 -2.25 -5.17
N ALA A 314 5.66 -1.84 -5.76
CA ALA A 314 4.39 -2.48 -5.43
C ALA A 314 3.49 -2.58 -6.64
N ILE A 315 2.57 -3.54 -6.60
CA ILE A 315 1.60 -3.72 -7.66
C ILE A 315 0.37 -4.39 -7.06
N ASN A 316 -0.78 -4.13 -7.66
CA ASN A 316 -2.00 -4.85 -7.30
C ASN A 316 -2.09 -6.16 -8.04
N PHE A 317 -2.73 -7.15 -7.42
CA PHE A 317 -3.01 -8.40 -8.10
C PHE A 317 -4.32 -8.98 -7.58
N ALA A 318 -4.81 -10.00 -8.27
CA ALA A 318 -6.07 -10.64 -7.93
C ALA A 318 -5.90 -12.15 -7.83
N THR A 319 -6.85 -12.76 -7.13
CA THR A 319 -7.00 -14.21 -7.07
C THR A 319 -8.50 -14.48 -7.25
N PRO A 320 -8.88 -15.76 -7.43
CA PRO A 320 -10.33 -16.01 -7.52
C PRO A 320 -11.10 -15.49 -6.30
N ARG A 321 -10.51 -15.56 -5.10
CA ARG A 321 -11.21 -15.13 -3.90
C ARG A 321 -11.48 -13.63 -3.90
N TRP A 322 -10.68 -12.87 -4.63
CA TRP A 322 -10.87 -11.41 -4.70
C TRP A 322 -12.20 -11.00 -5.34
N ILE A 323 -12.70 -11.78 -6.29
CA ILE A 323 -13.78 -11.29 -7.14
C ILE A 323 -15.00 -10.83 -6.31
N ASP A 324 -15.35 -11.59 -5.26
CA ASP A 324 -16.47 -11.20 -4.41
C ASP A 324 -16.20 -9.88 -3.68
N TYR A 325 -14.95 -9.61 -3.34
CA TYR A 325 -14.61 -8.31 -2.74
C TYR A 325 -14.70 -7.20 -3.78
N GLY A 326 -14.19 -7.45 -4.99
CA GLY A 326 -14.25 -6.44 -6.04
C GLY A 326 -15.67 -5.99 -6.35
N LYS A 327 -16.60 -6.94 -6.38
CA LYS A 327 -17.97 -6.58 -6.73
CA LYS A 327 -18.01 -6.68 -6.65
C LYS A 327 -18.63 -5.72 -5.63
N MET A 328 -18.13 -5.84 -4.40
N MET A 328 -18.19 -5.78 -4.40
CA MET A 328 -18.70 -5.17 -3.24
CA MET A 328 -18.85 -4.96 -3.38
C MET A 328 -17.96 -3.89 -2.82
C MET A 328 -17.94 -3.91 -2.77
N ALA A 329 -16.85 -3.59 -3.47
CA ALA A 329 -15.96 -2.51 -3.05
C ALA A 329 -16.70 -1.18 -2.99
N SER A 330 -16.54 -0.46 -1.88
CA SER A 330 -17.16 0.83 -1.76
C SER A 330 -16.39 1.80 -2.63
N GLN A 331 -17.07 2.80 -3.18
CA GLN A 331 -16.42 3.76 -4.06
C GLN A 331 -16.71 5.19 -3.64
N CYS A 332 -15.72 6.05 -3.90
CA CYS A 332 -15.90 7.49 -3.79
C CYS A 332 -17.18 7.92 -4.50
N SER A 333 -17.94 8.85 -3.91
CA SER A 333 -19.19 9.30 -4.52
C SER A 333 -19.14 10.78 -4.90
N CYS A 334 -17.98 11.41 -4.69
CA CYS A 334 -17.84 12.85 -4.84
C CYS A 334 -16.91 13.25 -5.98
N GLY A 335 -16.22 12.28 -6.54
CA GLY A 335 -15.33 12.54 -7.67
C GLY A 335 -13.89 12.89 -7.33
N GLU A 336 -13.57 13.00 -6.05
CA GLU A 336 -12.21 13.37 -5.65
C GLU A 336 -11.19 12.25 -5.87
N ALA A 337 -11.60 10.99 -5.67
CA ALA A 337 -10.68 9.87 -5.80
C ALA A 337 -10.34 9.58 -7.26
N ARG A 338 -9.05 9.38 -7.53
CA ARG A 338 -8.58 9.06 -8.87
C ARG A 338 -9.00 7.65 -9.28
N VAL A 339 -9.42 7.50 -10.53
CA VAL A 339 -9.74 6.19 -11.08
C VAL A 339 -8.89 5.94 -12.32
N THR A 340 -8.01 4.95 -12.23
CA THR A 340 -7.13 4.62 -13.34
C THR A 340 -7.92 4.08 -14.53
N PHE A 341 -7.28 4.10 -15.68
CA PHE A 341 -7.85 3.55 -16.90
C PHE A 341 -8.32 2.12 -16.67
N SER A 342 -7.47 1.32 -16.03
CA SER A 342 -7.78 -0.08 -15.85
CA SER A 342 -7.76 -0.10 -15.81
C SER A 342 -8.90 -0.30 -14.83
N MET A 343 -8.97 0.55 -13.81
CA MET A 343 -10.00 0.39 -12.80
C MET A 343 -11.39 0.64 -13.41
N ASP A 344 -11.47 1.51 -14.41
N ASP A 344 -11.46 1.49 -14.42
CA ASP A 344 -12.73 1.79 -15.10
CA ASP A 344 -12.74 1.80 -15.06
C ASP A 344 -13.44 0.51 -15.51
C ASP A 344 -13.44 0.53 -15.56
N ALA A 345 -12.69 -0.38 -16.17
CA ALA A 345 -13.25 -1.63 -16.65
C ALA A 345 -13.71 -2.53 -15.51
N PHE A 346 -12.96 -2.53 -14.42
N PHE A 346 -13.00 -2.52 -14.39
CA PHE A 346 -13.33 -3.32 -13.24
CA PHE A 346 -13.39 -3.37 -13.28
C PHE A 346 -14.70 -2.87 -12.72
C PHE A 346 -14.67 -2.88 -12.60
N VAL A 347 -14.89 -1.56 -12.60
CA VAL A 347 -16.14 -1.02 -12.09
C VAL A 347 -17.26 -1.35 -13.08
N ARG A 348 -17.00 -1.15 -14.36
N ARG A 348 -16.99 -1.16 -14.36
CA ARG A 348 -17.98 -1.40 -15.40
CA ARG A 348 -17.99 -1.39 -15.40
C ARG A 348 -18.52 -2.83 -15.34
C ARG A 348 -18.52 -2.83 -15.41
N ILE A 349 -17.62 -3.80 -15.22
CA ILE A 349 -18.02 -5.20 -15.24
C ILE A 349 -18.52 -5.69 -13.88
N LEU A 350 -17.80 -5.38 -12.80
CA LEU A 350 -18.17 -5.94 -11.51
C LEU A 350 -19.24 -5.14 -10.78
N GLN A 351 -19.35 -3.86 -11.12
CA GLN A 351 -20.29 -2.97 -10.41
C GLN A 351 -21.11 -2.14 -11.38
N PRO A 352 -21.87 -2.80 -12.27
CA PRO A 352 -22.54 -2.02 -13.32
C PRO A 352 -23.50 -0.95 -12.79
N GLU A 353 -24.19 -1.19 -11.68
CA GLU A 353 -25.04 -0.12 -11.16
C GLU A 353 -24.23 1.10 -10.74
N ARG A 354 -23.16 0.88 -9.99
CA ARG A 354 -22.32 1.99 -9.55
C ARG A 354 -21.70 2.72 -10.74
N TYR A 355 -21.35 1.96 -11.78
CA TYR A 355 -20.72 2.53 -12.96
C TYR A 355 -21.68 3.49 -13.64
N ASP A 356 -22.90 3.00 -13.83
CA ASP A 356 -23.94 3.75 -14.50
C ASP A 356 -24.23 5.06 -13.78
N LEU A 357 -24.38 4.98 -12.46
CA LEU A 357 -24.65 6.16 -11.65
C LEU A 357 -23.51 7.16 -11.70
N TRP A 358 -22.29 6.63 -11.68
CA TRP A 358 -21.09 7.47 -11.69
C TRP A 358 -20.98 8.24 -13.00
N LYS A 359 -21.18 7.54 -14.11
CA LYS A 359 -21.01 8.14 -15.43
C LYS A 359 -22.13 9.12 -15.78
N ARG A 360 -23.28 8.98 -15.11
CA ARG A 360 -24.37 9.93 -15.32
C ARG A 360 -24.29 11.11 -14.35
N GLY A 361 -23.47 10.96 -13.32
CA GLY A 361 -23.33 11.98 -12.30
C GLY A 361 -22.74 13.28 -12.82
#